data_9GOJ
#
_entry.id   9GOJ
#
_cell.length_a   45.902
_cell.length_b   57.27
_cell.length_c   67.118
_cell.angle_alpha   90
_cell.angle_beta   99.591
_cell.angle_gamma   90
#
_symmetry.space_group_name_H-M   'P 1 21 1'
#
loop_
_entity.id
_entity.type
_entity.pdbx_description
1 polymer 'Phosphoenolpyruvate synthase'
2 water water
#
_entity_poly.entity_id   1
_entity_poly.type   'polypeptide(L)'
_entity_poly.pdbx_seq_one_letter_code
;MGSSHHHHHSSGENLYFQGHMGKYTKKFNEVRSTDRPLVGGKCASLGEMVQAGLPVPDGFAVTIDAYEDFRDDSDLRAEL
RSLVFGVDPDSSKSLQDAHDQAVALVLGRNLPAAIEDEIREAYLTLSRETARRRGTGDTDRIPVAVRSSSVDEDGDAASF
AGQQETYLWVVGADDVIAKVRECWASLYTPQAIAYRAGMSETDAAEASKISVAVQLMADADVAGVMFTVSPRTGDRSVIA
INASWGLGQSVVSGEVTPDEYWLSKIGPTLTSSRIASKEHEYVPAPDGTGVIFREVEQARREVSCLSDSELMQLAEIGLR
VEEHYGCPQDIEWALEHDSDGTSRVMLLQSRPETNWKKRKEEKSKRTSSATSNLLGFVSAAAKGQTR
;
_entity_poly.pdbx_strand_id   A
#
# COMPACT_ATOMS: atom_id res chain seq x y z
N MET A 21 -14.60 -13.71 18.15
CA MET A 21 -13.64 -14.63 17.48
C MET A 21 -12.37 -13.88 17.00
N GLY A 22 -12.53 -12.86 16.14
CA GLY A 22 -11.42 -12.01 15.67
C GLY A 22 -10.59 -12.67 14.55
N LYS A 23 -11.23 -13.59 13.81
CA LYS A 23 -10.53 -14.55 12.98
C LYS A 23 -10.17 -13.99 11.61
N TYR A 24 -10.78 -12.86 11.23
CA TYR A 24 -10.87 -12.45 9.83
C TYR A 24 -10.00 -11.25 9.48
N THR A 25 -9.59 -10.45 10.49
CA THR A 25 -8.68 -9.34 10.29
C THR A 25 -7.54 -9.40 11.31
N LYS A 26 -6.40 -8.84 10.91
CA LYS A 26 -5.25 -8.64 11.78
C LYS A 26 -4.57 -7.32 11.44
N LYS A 27 -4.38 -6.48 12.47
CA LYS A 27 -3.65 -5.22 12.36
C LYS A 27 -2.21 -5.50 11.94
N PHE A 28 -1.63 -4.57 11.20
CA PHE A 28 -0.27 -4.74 10.72
C PHE A 28 0.75 -4.88 11.85
N ASN A 29 0.56 -4.14 12.95
CA ASN A 29 1.52 -4.13 14.05
C ASN A 29 1.67 -5.54 14.65
N GLU A 30 0.67 -6.40 14.44
CA GLU A 30 0.65 -7.73 15.04
C GLU A 30 0.92 -8.84 14.03
N VAL A 31 1.10 -8.51 12.74
CA VAL A 31 1.41 -9.55 11.76
C VAL A 31 2.92 -9.78 11.80
N ARG A 32 3.32 -11.05 11.85
CA ARG A 32 4.73 -11.47 11.78
C ARG A 32 4.99 -12.07 10.40
N SER A 33 6.25 -12.47 10.16
CA SER A 33 6.64 -13.20 8.97
C SER A 33 6.00 -14.60 8.98
N THR A 34 5.88 -15.19 10.17
CA THR A 34 5.50 -16.59 10.33
C THR A 34 3.99 -16.76 10.15
N ASP A 35 3.32 -15.74 9.60
CA ASP A 35 1.88 -15.68 9.43
C ASP A 35 1.50 -15.86 7.96
N ARG A 36 2.42 -16.39 7.15
CA ARG A 36 2.20 -16.57 5.71
C ARG A 36 1.05 -17.56 5.46
N PRO A 37 0.80 -18.56 6.36
CA PRO A 37 -0.37 -19.43 6.22
C PRO A 37 -1.71 -18.68 6.24
N LEU A 38 -1.75 -17.50 6.88
CA LEU A 38 -3.02 -16.85 7.19
C LEU A 38 -3.15 -15.48 6.52
N VAL A 39 -2.05 -14.87 6.06
CA VAL A 39 -2.16 -13.52 5.51
C VAL A 39 -1.48 -13.46 4.14
N GLY A 40 -0.70 -14.49 3.82
CA GLY A 40 -0.03 -14.58 2.53
C GLY A 40 1.35 -13.93 2.57
N GLY A 41 1.81 -13.53 1.37
CA GLY A 41 3.17 -13.08 1.15
C GLY A 41 3.32 -11.57 1.32
N LYS A 42 2.55 -10.80 0.53
CA LYS A 42 2.59 -9.34 0.59
C LYS A 42 2.40 -8.85 2.03
N CYS A 43 1.53 -9.53 2.80
CA CYS A 43 1.06 -9.04 4.10
C CYS A 43 2.02 -9.37 5.23
N ALA A 44 2.61 -10.58 5.20
CA ALA A 44 3.68 -11.01 6.10
C ALA A 44 4.95 -10.19 5.84
N SER A 45 5.11 -9.80 4.57
CA SER A 45 6.08 -8.82 4.08
C SER A 45 5.94 -7.52 4.87
N LEU A 46 4.78 -6.88 4.77
CA LEU A 46 4.54 -5.59 5.40
C LEU A 46 4.71 -5.74 6.91
N GLY A 47 4.43 -6.95 7.40
CA GLY A 47 4.50 -7.26 8.83
C GLY A 47 5.94 -7.24 9.37
N GLU A 48 6.83 -7.93 8.66
CA GLU A 48 8.26 -8.00 8.99
C GLU A 48 8.89 -6.61 8.95
N MET A 49 8.36 -5.75 8.07
CA MET A 49 8.91 -4.43 7.85
C MET A 49 8.64 -3.55 9.06
N VAL A 50 7.35 -3.40 9.44
CA VAL A 50 6.91 -2.74 10.66
C VAL A 50 7.73 -3.25 11.86
N GLN A 51 7.90 -4.59 11.93
CA GLN A 51 8.68 -5.34 12.90
C GLN A 51 10.15 -4.91 12.87
N ALA A 52 10.72 -4.76 11.67
CA ALA A 52 12.09 -4.28 11.51
C ALA A 52 12.16 -2.77 11.73
N GLY A 53 11.02 -2.15 12.06
CA GLY A 53 10.93 -0.72 12.39
C GLY A 53 10.98 0.16 11.14
N LEU A 54 10.43 -0.36 10.02
CA LEU A 54 10.24 0.37 8.77
C LEU A 54 8.78 0.84 8.73
N PRO A 55 8.51 2.17 8.69
CA PRO A 55 7.17 2.68 8.91
C PRO A 55 6.32 2.68 7.63
N VAL A 56 5.67 1.55 7.33
CA VAL A 56 4.77 1.47 6.17
C VAL A 56 3.41 2.03 6.58
N PRO A 57 2.52 2.47 5.64
CA PRO A 57 1.17 2.91 6.01
C PRO A 57 0.45 1.89 6.90
N ASP A 58 -0.22 2.38 7.96
CA ASP A 58 -0.94 1.50 8.88
C ASP A 58 -2.21 0.96 8.20
N GLY A 59 -2.71 -0.16 8.73
CA GLY A 59 -3.86 -0.88 8.18
C GLY A 59 -3.97 -2.27 8.82
N PHE A 60 -4.72 -3.14 8.15
CA PHE A 60 -4.93 -4.50 8.61
C PHE A 60 -4.97 -5.46 7.41
N ALA A 61 -4.68 -6.73 7.69
CA ALA A 61 -4.86 -7.79 6.71
C ALA A 61 -6.26 -8.37 6.89
N VAL A 62 -6.95 -8.61 5.76
CA VAL A 62 -8.09 -9.51 5.74
C VAL A 62 -7.55 -10.91 5.45
N THR A 63 -7.68 -11.81 6.43
CA THR A 63 -6.97 -13.07 6.47
C THR A 63 -7.56 -14.09 5.49
N ILE A 64 -6.82 -15.16 5.22
CA ILE A 64 -7.18 -16.11 4.19
C ILE A 64 -8.54 -16.72 4.51
N ASP A 65 -8.92 -16.70 5.79
CA ASP A 65 -10.11 -17.39 6.27
C ASP A 65 -11.39 -16.59 5.95
N ALA A 66 -11.21 -15.30 5.65
CA ALA A 66 -12.33 -14.47 5.22
C ALA A 66 -12.89 -15.02 3.90
N TYR A 67 -12.01 -15.17 2.89
CA TYR A 67 -12.40 -15.79 1.64
C TYR A 67 -12.83 -17.26 1.82
N GLU A 68 -12.03 -18.04 2.57
CA GLU A 68 -12.26 -19.47 2.78
C GLU A 68 -13.65 -19.74 3.36
N ASP A 69 -13.99 -19.07 4.46
CA ASP A 69 -15.27 -19.30 5.14
C ASP A 69 -16.43 -18.70 4.35
N PHE A 70 -16.13 -17.79 3.42
CA PHE A 70 -17.14 -17.29 2.51
C PHE A 70 -17.53 -18.43 1.58
N ARG A 71 -16.55 -19.05 0.90
CA ARG A 71 -16.86 -20.04 -0.13
C ARG A 71 -17.42 -21.31 0.50
N ASP A 72 -17.21 -21.49 1.81
CA ASP A 72 -17.64 -22.69 2.51
C ASP A 72 -18.98 -22.50 3.24
N ASP A 73 -19.52 -21.29 3.22
CA ASP A 73 -20.77 -21.05 3.90
C ASP A 73 -21.94 -21.68 3.13
N SER A 74 -21.85 -21.70 1.80
CA SER A 74 -22.81 -22.39 0.93
C SER A 74 -22.05 -23.39 0.09
N ASP A 75 -22.62 -23.82 -1.05
CA ASP A 75 -21.93 -24.69 -1.99
C ASP A 75 -20.96 -23.89 -2.86
N LEU A 76 -20.77 -22.59 -2.58
CA LEU A 76 -19.98 -21.70 -3.44
C LEU A 76 -18.65 -22.34 -3.91
N ARG A 77 -17.89 -22.94 -2.98
CA ARG A 77 -16.64 -23.64 -3.26
C ARG A 77 -16.77 -24.66 -4.39
N ALA A 78 -17.70 -25.63 -4.24
CA ALA A 78 -17.85 -26.72 -5.20
C ALA A 78 -18.06 -26.14 -6.59
N GLU A 79 -18.78 -25.01 -6.66
CA GLU A 79 -19.32 -24.49 -7.91
C GLU A 79 -18.26 -23.72 -8.64
N LEU A 80 -17.45 -22.96 -7.89
CA LEU A 80 -16.30 -22.25 -8.44
C LEU A 80 -15.26 -23.25 -8.94
N ARG A 81 -15.02 -24.31 -8.15
CA ARG A 81 -14.09 -25.34 -8.56
C ARG A 81 -14.59 -25.97 -9.86
N SER A 82 -15.87 -26.38 -9.86
CA SER A 82 -16.54 -26.95 -11.03
C SER A 82 -16.31 -26.07 -12.26
N LEU A 83 -16.48 -24.74 -12.05
CA LEU A 83 -16.33 -23.76 -13.12
C LEU A 83 -14.89 -23.75 -13.65
N VAL A 84 -13.90 -23.77 -12.75
CA VAL A 84 -12.50 -23.72 -13.11
C VAL A 84 -12.13 -25.03 -13.82
N PHE A 85 -12.57 -26.14 -13.22
CA PHE A 85 -12.21 -27.47 -13.72
C PHE A 85 -13.03 -27.78 -14.96
N GLY A 86 -14.02 -26.95 -15.27
CA GLY A 86 -14.91 -27.18 -16.39
C GLY A 86 -14.34 -26.67 -17.70
N VAL A 87 -13.40 -25.72 -17.62
CA VAL A 87 -13.10 -24.86 -18.76
C VAL A 87 -12.35 -25.59 -19.87
N ASP A 88 -12.62 -25.16 -21.11
CA ASP A 88 -11.72 -25.41 -22.22
C ASP A 88 -10.52 -24.47 -22.09
N PRO A 89 -9.35 -24.95 -21.61
CA PRO A 89 -8.24 -24.07 -21.28
C PRO A 89 -7.49 -23.51 -22.50
N ASP A 90 -7.95 -23.85 -23.71
CA ASP A 90 -7.36 -23.36 -24.95
C ASP A 90 -8.39 -22.58 -25.75
N SER A 91 -9.63 -22.54 -25.22
CA SER A 91 -10.72 -21.73 -25.72
C SER A 91 -10.82 -20.44 -24.90
N SER A 92 -10.85 -19.29 -25.58
CA SER A 92 -10.90 -18.01 -24.89
C SER A 92 -12.33 -17.72 -24.47
N LYS A 93 -13.27 -18.17 -25.30
CA LYS A 93 -14.70 -18.01 -25.04
C LYS A 93 -15.08 -18.84 -23.82
N SER A 94 -14.29 -19.90 -23.54
CA SER A 94 -14.52 -20.78 -22.41
C SER A 94 -14.05 -20.10 -21.13
N LEU A 95 -12.92 -19.39 -21.24
CA LEU A 95 -12.33 -18.68 -20.13
C LEU A 95 -13.16 -17.44 -19.82
N GLN A 96 -13.62 -16.73 -20.86
CA GLN A 96 -14.48 -15.58 -20.65
C GLN A 96 -15.70 -16.01 -19.83
N ASP A 97 -16.39 -17.04 -20.33
CA ASP A 97 -17.61 -17.60 -19.78
C ASP A 97 -17.44 -17.92 -18.29
N ALA A 98 -16.45 -18.76 -17.98
CA ALA A 98 -16.19 -19.20 -16.61
C ALA A 98 -15.87 -18.01 -15.72
N HIS A 99 -15.01 -17.11 -16.22
CA HIS A 99 -14.64 -15.87 -15.56
C HIS A 99 -15.90 -15.10 -15.17
N ASP A 100 -16.81 -14.94 -16.14
CA ASP A 100 -17.97 -14.09 -15.94
C ASP A 100 -18.84 -14.63 -14.82
N GLN A 101 -19.14 -15.93 -14.93
CA GLN A 101 -20.05 -16.53 -13.98
C GLN A 101 -19.43 -16.47 -12.60
N ALA A 102 -18.13 -16.79 -12.53
CA ALA A 102 -17.38 -16.95 -11.29
C ALA A 102 -17.42 -15.62 -10.53
N VAL A 103 -17.15 -14.54 -11.27
CA VAL A 103 -17.11 -13.20 -10.70
C VAL A 103 -18.51 -12.84 -10.18
N ALA A 104 -19.55 -13.11 -10.96
CA ALA A 104 -20.90 -12.79 -10.51
C ALA A 104 -21.19 -13.36 -9.12
N LEU A 105 -20.81 -14.63 -8.89
CA LEU A 105 -21.01 -15.29 -7.62
C LEU A 105 -20.15 -14.66 -6.53
N VAL A 106 -18.89 -14.30 -6.87
CA VAL A 106 -17.94 -13.84 -5.85
C VAL A 106 -18.39 -12.48 -5.31
N LEU A 107 -19.05 -11.67 -6.16
CA LEU A 107 -19.50 -10.33 -5.77
C LEU A 107 -20.94 -10.41 -5.25
N GLY A 108 -21.60 -11.54 -5.51
CA GLY A 108 -23.05 -11.65 -5.43
C GLY A 108 -23.56 -12.40 -4.20
N ARG A 109 -23.02 -13.61 -3.92
CA ARG A 109 -23.53 -14.40 -2.82
C ARG A 109 -23.44 -13.60 -1.52
N ASN A 110 -24.25 -14.00 -0.54
CA ASN A 110 -24.25 -13.33 0.76
C ASN A 110 -22.89 -13.54 1.41
N LEU A 111 -22.37 -12.45 1.98
CA LEU A 111 -21.21 -12.54 2.84
C LEU A 111 -21.69 -12.79 4.26
N PRO A 112 -21.20 -13.85 4.93
CA PRO A 112 -21.53 -14.12 6.32
C PRO A 112 -21.33 -12.90 7.23
N ALA A 113 -22.27 -12.69 8.16
CA ALA A 113 -22.27 -11.47 8.96
C ALA A 113 -20.99 -11.35 9.77
N ALA A 114 -20.42 -12.48 10.21
CA ALA A 114 -19.25 -12.44 11.09
C ALA A 114 -18.06 -11.91 10.31
N ILE A 115 -18.05 -12.18 9.01
CA ILE A 115 -16.94 -11.77 8.16
C ILE A 115 -17.09 -10.27 7.88
N GLU A 116 -18.26 -9.92 7.36
CA GLU A 116 -18.54 -8.52 7.06
C GLU A 116 -18.32 -7.64 8.29
N ASP A 117 -18.87 -8.02 9.44
CA ASP A 117 -18.81 -7.09 10.56
C ASP A 117 -17.39 -6.92 11.07
N GLU A 118 -16.55 -7.96 10.93
CA GLU A 118 -15.20 -7.79 11.45
C GLU A 118 -14.38 -6.87 10.55
N ILE A 119 -14.49 -7.08 9.24
CA ILE A 119 -13.88 -6.20 8.25
C ILE A 119 -14.36 -4.76 8.45
N ARG A 120 -15.67 -4.59 8.70
CA ARG A 120 -16.23 -3.27 8.90
C ARG A 120 -15.58 -2.65 10.14
N GLU A 121 -15.55 -3.40 11.23
CA GLU A 121 -15.05 -2.90 12.50
C GLU A 121 -13.55 -2.56 12.43
N ALA A 122 -12.75 -3.42 11.79
CA ALA A 122 -11.32 -3.17 11.60
C ALA A 122 -11.08 -1.85 10.84
N TYR A 123 -11.93 -1.55 9.85
CA TYR A 123 -11.83 -0.33 9.04
C TYR A 123 -12.21 0.88 9.89
N LEU A 124 -13.38 0.82 10.56
CA LEU A 124 -13.78 1.89 11.48
C LEU A 124 -12.69 2.14 12.54
N THR A 125 -12.07 1.08 13.06
CA THR A 125 -11.01 1.24 14.04
C THR A 125 -9.84 2.05 13.43
N LEU A 126 -9.37 1.60 12.27
CA LEU A 126 -8.33 2.34 11.57
C LEU A 126 -8.72 3.80 11.32
N SER A 127 -9.98 4.05 10.90
CA SER A 127 -10.42 5.39 10.54
C SER A 127 -10.45 6.32 11.76
N ARG A 128 -10.99 5.81 12.88
CA ARG A 128 -11.09 6.60 14.11
C ARG A 128 -9.70 6.85 14.69
N GLU A 129 -8.86 5.81 14.72
CA GLU A 129 -7.53 5.98 15.27
C GLU A 129 -6.80 7.07 14.47
N THR A 130 -7.03 7.06 13.15
CA THR A 130 -6.29 7.91 12.22
C THR A 130 -6.73 9.37 12.36
N ALA A 131 -8.06 9.58 12.38
CA ALA A 131 -8.70 10.87 12.57
C ALA A 131 -8.25 11.50 13.88
N ARG A 132 -8.04 10.65 14.91
CA ARG A 132 -7.48 11.07 16.19
C ARG A 132 -6.04 11.55 16.01
N ARG A 133 -5.21 10.68 15.41
CA ARG A 133 -3.78 10.88 15.23
C ARG A 133 -3.48 12.08 14.35
N ARG A 134 -4.13 12.15 13.18
CA ARG A 134 -3.96 13.23 12.23
C ARG A 134 -4.65 14.50 12.75
N GLY A 135 -5.46 14.32 13.79
CA GLY A 135 -6.34 15.36 14.29
C GLY A 135 -7.25 15.90 13.19
N THR A 136 -7.84 14.99 12.39
CA THR A 136 -8.81 15.38 11.37
C THR A 136 -10.19 14.78 11.71
N GLY A 137 -11.21 15.09 10.90
CA GLY A 137 -12.60 14.77 11.16
C GLY A 137 -12.83 13.27 11.35
N ASP A 138 -13.56 12.90 12.41
CA ASP A 138 -13.84 11.51 12.73
C ASP A 138 -15.14 11.13 12.03
N THR A 139 -15.05 10.94 10.70
CA THR A 139 -16.27 10.84 9.92
C THR A 139 -16.39 9.44 9.34
N ASP A 140 -15.51 8.52 9.77
CA ASP A 140 -15.57 7.10 9.41
C ASP A 140 -15.44 6.91 7.90
N ARG A 141 -14.70 7.82 7.24
CA ARG A 141 -14.54 7.83 5.79
CA ARG A 141 -14.53 7.79 5.80
C ARG A 141 -13.07 8.02 5.40
N ILE A 142 -12.13 7.56 6.24
CA ILE A 142 -10.70 7.65 5.92
C ILE A 142 -10.40 6.97 4.58
N PRO A 143 -9.72 7.64 3.60
CA PRO A 143 -9.32 6.97 2.36
C PRO A 143 -8.24 5.91 2.57
N VAL A 144 -8.44 4.75 1.92
CA VAL A 144 -7.58 3.60 2.04
C VAL A 144 -7.30 3.01 0.66
N ALA A 145 -6.22 2.21 0.60
CA ALA A 145 -5.96 1.36 -0.54
C ALA A 145 -6.33 -0.07 -0.15
N VAL A 146 -6.82 -0.87 -1.12
CA VAL A 146 -7.18 -2.28 -0.92
C VAL A 146 -6.40 -3.10 -1.94
N ARG A 147 -5.62 -4.11 -1.51
CA ARG A 147 -4.71 -4.76 -2.44
C ARG A 147 -4.65 -6.23 -2.12
N SER A 148 -4.62 -7.05 -3.15
CA SER A 148 -4.73 -8.50 -3.05
C SER A 148 -3.39 -9.12 -2.68
N SER A 149 -3.46 -10.32 -2.09
CA SER A 149 -2.32 -10.93 -1.43
C SER A 149 -2.43 -12.45 -1.53
N SER A 150 -1.73 -13.00 -2.54
CA SER A 150 -1.63 -14.45 -2.73
C SER A 150 -0.80 -15.11 -1.63
N VAL A 151 -1.16 -16.37 -1.32
CA VAL A 151 -0.60 -17.11 -0.21
C VAL A 151 0.88 -17.40 -0.46
N ASP A 152 1.25 -17.49 -1.74
CA ASP A 152 2.62 -17.85 -2.08
C ASP A 152 3.23 -16.78 -2.99
N GLN A 163 -0.28 -11.89 -9.79
CA GLN A 163 -1.51 -11.08 -9.93
C GLN A 163 -1.75 -10.19 -8.72
N GLN A 164 -1.51 -8.89 -8.91
CA GLN A 164 -1.77 -7.88 -7.90
C GLN A 164 -2.98 -7.08 -8.33
N GLU A 165 -3.93 -6.96 -7.43
CA GLU A 165 -5.08 -6.09 -7.64
C GLU A 165 -4.91 -4.92 -6.69
N THR A 166 -5.11 -3.69 -7.17
CA THR A 166 -4.99 -2.55 -6.29
C THR A 166 -6.13 -1.61 -6.57
N TYR A 167 -6.81 -1.16 -5.52
CA TYR A 167 -7.78 -0.08 -5.56
C TYR A 167 -7.28 1.05 -4.65
N LEU A 168 -7.25 2.27 -5.16
CA LEU A 168 -6.74 3.38 -4.38
C LEU A 168 -7.91 4.27 -4.01
N TRP A 169 -7.75 5.07 -2.96
CA TRP A 169 -8.75 6.08 -2.65
C TRP A 169 -10.10 5.42 -2.44
N VAL A 170 -10.13 4.34 -1.65
CA VAL A 170 -11.39 3.70 -1.27
C VAL A 170 -11.91 4.31 0.02
N VAL A 171 -13.19 4.73 0.02
CA VAL A 171 -13.71 5.55 1.12
C VAL A 171 -14.99 4.93 1.68
N GLY A 172 -15.09 4.78 3.02
CA GLY A 172 -16.29 4.28 3.69
C GLY A 172 -16.31 2.76 3.75
N ALA A 173 -16.98 2.21 4.77
CA ALA A 173 -16.97 0.77 5.07
C ALA A 173 -17.57 -0.06 3.91
N ASP A 174 -18.63 0.46 3.26
CA ASP A 174 -19.29 -0.21 2.16
C ASP A 174 -18.34 -0.42 0.97
N ASP A 175 -17.60 0.63 0.60
CA ASP A 175 -16.63 0.50 -0.48
C ASP A 175 -15.49 -0.43 -0.09
N VAL A 176 -15.08 -0.44 1.19
CA VAL A 176 -14.00 -1.33 1.59
C VAL A 176 -14.44 -2.79 1.39
N ILE A 177 -15.68 -3.10 1.81
CA ILE A 177 -16.23 -4.43 1.64
C ILE A 177 -16.33 -4.76 0.15
N ALA A 178 -16.81 -3.80 -0.65
CA ALA A 178 -16.98 -3.96 -2.10
C ALA A 178 -15.65 -4.24 -2.79
N LYS A 179 -14.57 -3.59 -2.34
CA LYS A 179 -13.28 -3.73 -3.00
C LYS A 179 -12.57 -4.98 -2.49
N VAL A 180 -12.80 -5.33 -1.21
CA VAL A 180 -12.28 -6.59 -0.72
C VAL A 180 -12.84 -7.75 -1.56
N ARG A 181 -14.13 -7.67 -1.93
CA ARG A 181 -14.74 -8.71 -2.76
C ARG A 181 -14.14 -8.74 -4.18
N GLU A 182 -13.93 -7.56 -4.79
CA GLU A 182 -13.28 -7.40 -6.08
CA GLU A 182 -13.30 -7.43 -6.10
C GLU A 182 -11.92 -8.08 -6.06
N CYS A 183 -11.18 -7.92 -4.96
CA CYS A 183 -9.92 -8.61 -4.78
C CYS A 183 -10.09 -10.13 -4.88
N TRP A 184 -11.08 -10.69 -4.18
CA TRP A 184 -11.36 -12.12 -4.22
C TRP A 184 -11.70 -12.58 -5.62
N ALA A 185 -12.45 -11.73 -6.32
CA ALA A 185 -12.89 -11.99 -7.68
C ALA A 185 -11.71 -12.03 -8.66
N SER A 186 -10.62 -11.29 -8.39
CA SER A 186 -9.53 -11.25 -9.36
C SER A 186 -8.81 -12.60 -9.45
N LEU A 187 -9.03 -13.47 -8.46
CA LEU A 187 -8.66 -14.88 -8.53
C LEU A 187 -9.26 -15.58 -9.75
N TYR A 188 -10.29 -14.97 -10.37
CA TYR A 188 -11.03 -15.66 -11.42
C TYR A 188 -10.90 -14.90 -12.75
N THR A 189 -9.71 -14.34 -13.04
CA THR A 189 -9.46 -13.79 -14.37
C THR A 189 -9.36 -14.95 -15.37
N PRO A 190 -9.53 -14.73 -16.70
CA PRO A 190 -9.20 -15.75 -17.69
C PRO A 190 -7.89 -16.46 -17.40
N GLN A 191 -6.82 -15.67 -17.25
CA GLN A 191 -5.50 -16.22 -17.05
C GLN A 191 -5.45 -17.09 -15.78
N ALA A 192 -6.03 -16.60 -14.67
CA ALA A 192 -5.87 -17.25 -13.38
C ALA A 192 -6.59 -18.60 -13.35
N ILE A 193 -7.76 -18.62 -13.98
CA ILE A 193 -8.57 -19.81 -14.11
C ILE A 193 -7.76 -20.87 -14.87
N ALA A 194 -7.29 -20.48 -16.06
CA ALA A 194 -6.59 -21.36 -16.99
C ALA A 194 -5.44 -22.05 -16.29
N TYR A 195 -4.82 -21.33 -15.34
CA TYR A 195 -3.61 -21.77 -14.67
C TYR A 195 -3.95 -22.78 -13.56
N ARG A 196 -5.20 -22.74 -13.06
CA ARG A 196 -5.58 -23.58 -11.96
C ARG A 196 -6.30 -24.81 -12.52
N ALA A 197 -7.03 -24.59 -13.63
CA ALA A 197 -7.69 -25.62 -14.42
C ALA A 197 -6.74 -26.80 -14.64
N GLY A 198 -5.44 -26.50 -14.84
CA GLY A 198 -4.36 -27.47 -14.90
C GLY A 198 -4.21 -28.31 -13.63
N MET A 199 -3.97 -27.67 -12.49
CA MET A 199 -3.44 -28.27 -11.27
C MET A 199 -4.33 -29.39 -10.72
N SER A 200 -3.72 -30.22 -9.86
CA SER A 200 -4.43 -31.13 -8.98
C SER A 200 -5.35 -30.35 -8.04
N GLU A 201 -6.46 -30.96 -7.65
CA GLU A 201 -7.46 -30.29 -6.86
C GLU A 201 -6.86 -29.64 -5.61
N THR A 202 -6.01 -30.40 -4.90
CA THR A 202 -5.24 -29.90 -3.78
C THR A 202 -4.65 -28.53 -4.12
N ASP A 203 -3.92 -28.47 -5.24
CA ASP A 203 -3.10 -27.33 -5.58
C ASP A 203 -3.97 -26.12 -5.90
N ALA A 204 -5.04 -26.34 -6.67
CA ALA A 204 -5.96 -25.27 -7.04
C ALA A 204 -6.65 -24.72 -5.79
N ALA A 205 -7.08 -25.61 -4.88
CA ALA A 205 -7.63 -25.20 -3.60
C ALA A 205 -6.66 -24.31 -2.84
N GLU A 206 -5.35 -24.67 -2.83
CA GLU A 206 -4.33 -23.93 -2.12
C GLU A 206 -4.00 -22.62 -2.86
N ALA A 207 -4.11 -22.68 -4.19
CA ALA A 207 -3.82 -21.57 -5.06
C ALA A 207 -5.05 -20.67 -5.21
N SER A 208 -6.16 -21.01 -4.57
CA SER A 208 -7.36 -20.16 -4.59
C SER A 208 -7.46 -19.36 -3.29
N LYS A 209 -6.52 -19.60 -2.37
CA LYS A 209 -6.47 -18.87 -1.12
C LYS A 209 -5.96 -17.46 -1.37
N ILE A 210 -6.61 -16.48 -0.72
CA ILE A 210 -6.23 -15.08 -0.89
C ILE A 210 -6.40 -14.31 0.43
N SER A 211 -5.59 -13.27 0.57
CA SER A 211 -5.66 -12.33 1.67
C SER A 211 -5.75 -10.93 1.06
N VAL A 212 -6.19 -9.96 1.84
CA VAL A 212 -6.36 -8.61 1.33
C VAL A 212 -5.79 -7.61 2.33
N ALA A 213 -4.99 -6.64 1.83
CA ALA A 213 -4.42 -5.60 2.67
C ALA A 213 -5.24 -4.33 2.51
N VAL A 214 -5.71 -3.76 3.63
CA VAL A 214 -6.36 -2.46 3.71
C VAL A 214 -5.42 -1.51 4.44
N GLN A 215 -4.93 -0.47 3.74
CA GLN A 215 -3.95 0.44 4.28
C GLN A 215 -4.32 1.89 3.98
N LEU A 216 -4.02 2.78 4.93
CA LEU A 216 -4.11 4.23 4.73
C LEU A 216 -3.56 4.63 3.37
N MET A 217 -4.27 5.49 2.64
CA MET A 217 -3.61 6.39 1.70
C MET A 217 -2.83 7.41 2.53
N ALA A 218 -1.67 7.87 2.03
CA ALA A 218 -0.99 8.99 2.67
C ALA A 218 -1.90 10.20 2.61
N ASP A 219 -1.79 11.07 3.63
CA ASP A 219 -2.30 12.43 3.62
C ASP A 219 -1.12 13.34 3.97
N ALA A 220 -0.08 13.30 3.12
CA ALA A 220 1.25 13.84 3.38
C ALA A 220 1.21 15.34 3.60
N ASP A 221 1.97 15.84 4.58
CA ASP A 221 2.27 17.26 4.66
C ASP A 221 3.35 17.63 3.65
N VAL A 222 4.35 16.75 3.55
CA VAL A 222 5.49 16.85 2.67
C VAL A 222 5.72 15.43 2.15
N ALA A 223 6.22 15.29 0.93
CA ALA A 223 6.48 13.97 0.37
C ALA A 223 7.52 14.11 -0.74
N GLY A 224 8.00 12.98 -1.26
CA GLY A 224 9.13 13.04 -2.16
C GLY A 224 9.88 11.72 -2.22
N VAL A 225 11.14 11.78 -2.66
CA VAL A 225 11.93 10.58 -2.88
C VAL A 225 13.26 10.72 -2.16
N MET A 226 13.89 9.57 -1.93
CA MET A 226 15.18 9.54 -1.27
C MET A 226 16.03 8.46 -1.92
N PHE A 227 17.33 8.76 -2.17
CA PHE A 227 18.24 7.76 -2.70
C PHE A 227 19.36 7.54 -1.69
N THR A 228 19.75 6.29 -1.46
CA THR A 228 20.87 6.01 -0.54
C THR A 228 22.12 5.70 -1.36
N VAL A 229 22.18 6.34 -2.53
CA VAL A 229 23.32 6.42 -3.42
C VAL A 229 23.10 7.62 -4.36
N SER A 230 24.16 8.35 -4.70
CA SER A 230 23.99 9.40 -5.70
C SER A 230 23.60 8.76 -7.04
N PRO A 231 22.46 9.16 -7.66
CA PRO A 231 22.16 8.72 -9.01
C PRO A 231 23.25 9.14 -10.00
N ARG A 232 23.86 10.31 -9.72
CA ARG A 232 24.81 10.96 -10.61
C ARG A 232 26.14 10.20 -10.61
N THR A 233 26.78 10.11 -9.43
CA THR A 233 28.13 9.57 -9.38
C THR A 233 28.14 8.10 -8.99
N GLY A 234 27.08 7.59 -8.36
CA GLY A 234 27.10 6.28 -7.72
C GLY A 234 27.86 6.30 -6.40
N ASP A 235 28.10 7.50 -5.83
CA ASP A 235 28.59 7.65 -4.48
C ASP A 235 27.62 7.00 -3.49
N ARG A 236 28.09 5.99 -2.76
CA ARG A 236 27.24 5.25 -1.84
C ARG A 236 27.46 5.75 -0.41
N SER A 237 28.05 6.94 -0.25
CA SER A 237 28.28 7.43 1.10
C SER A 237 27.41 8.66 1.36
N VAL A 238 26.50 8.96 0.43
CA VAL A 238 25.61 10.11 0.54
C VAL A 238 24.13 9.69 0.40
N ILE A 239 23.24 10.57 0.87
CA ILE A 239 21.79 10.43 0.76
C ILE A 239 21.24 11.70 0.10
N ALA A 240 20.37 11.52 -0.90
CA ALA A 240 19.76 12.63 -1.60
C ALA A 240 18.24 12.54 -1.38
N ILE A 241 17.63 13.65 -0.96
CA ILE A 241 16.22 13.71 -0.67
C ILE A 241 15.68 14.85 -1.53
N ASN A 242 14.59 14.59 -2.26
CA ASN A 242 13.89 15.61 -3.00
C ASN A 242 12.49 15.69 -2.44
N ALA A 243 12.06 16.86 -1.97
CA ALA A 243 10.85 16.95 -1.16
C ALA A 243 10.04 18.17 -1.60
N SER A 244 8.70 18.07 -1.54
CA SER A 244 7.82 19.21 -1.78
C SER A 244 6.58 19.09 -0.90
N TRP A 245 5.80 20.19 -0.82
CA TRP A 245 4.57 20.22 -0.05
C TRP A 245 3.57 19.21 -0.60
N GLY A 246 2.74 18.67 0.30
CA GLY A 246 1.62 17.78 0.00
C GLY A 246 2.06 16.43 -0.58
N LEU A 247 1.21 15.88 -1.47
CA LEU A 247 1.34 14.51 -1.96
C LEU A 247 2.58 14.34 -2.83
N GLY A 248 3.21 13.16 -2.73
CA GLY A 248 4.46 12.85 -3.40
C GLY A 248 4.36 12.86 -4.92
N GLN A 249 3.10 12.80 -5.42
CA GLN A 249 2.73 12.80 -6.82
C GLN A 249 3.32 13.98 -7.58
N SER A 250 3.40 15.16 -6.95
CA SER A 250 3.92 16.31 -7.66
C SER A 250 5.41 16.15 -7.93
N VAL A 251 6.13 15.52 -6.97
CA VAL A 251 7.54 15.22 -7.07
C VAL A 251 7.77 14.02 -8.00
N VAL A 252 6.95 12.98 -7.88
CA VAL A 252 7.12 11.81 -8.75
C VAL A 252 6.81 12.18 -10.19
N SER A 253 5.79 12.98 -10.43
CA SER A 253 5.39 13.22 -11.81
CA SER A 253 5.35 13.26 -11.79
C SER A 253 6.09 14.47 -12.39
N GLY A 254 7.00 15.09 -11.63
CA GLY A 254 7.71 16.29 -12.05
C GLY A 254 6.80 17.48 -12.28
N GLU A 255 5.72 17.64 -11.50
CA GLU A 255 4.81 18.77 -11.65
C GLU A 255 5.21 19.93 -10.73
N VAL A 256 6.35 19.80 -10.05
CA VAL A 256 6.83 20.83 -9.14
C VAL A 256 8.35 20.71 -9.10
N THR A 257 9.02 21.82 -8.76
CA THR A 257 10.46 21.88 -8.57
C THR A 257 10.73 21.62 -7.09
N PRO A 258 11.24 20.43 -6.69
CA PRO A 258 11.35 20.08 -5.28
C PRO A 258 12.51 20.79 -4.62
N ASP A 259 12.54 20.83 -3.27
CA ASP A 259 13.77 21.16 -2.56
C ASP A 259 14.68 19.94 -2.61
N GLU A 260 15.99 20.17 -2.56
CA GLU A 260 16.96 19.10 -2.64
C GLU A 260 17.92 19.20 -1.48
N TYR A 261 18.10 18.08 -0.80
CA TYR A 261 19.04 18.01 0.30
C TYR A 261 20.00 16.86 0.06
N TRP A 262 21.24 17.08 0.47
CA TRP A 262 22.28 16.08 0.45
C TRP A 262 22.87 15.92 1.84
N LEU A 263 22.99 14.65 2.25
CA LEU A 263 23.63 14.33 3.51
C LEU A 263 24.78 13.37 3.24
N SER A 264 25.81 13.37 4.08
CA SER A 264 26.76 12.27 4.14
C SER A 264 26.22 11.21 5.10
N LYS A 265 26.40 9.91 4.79
CA LYS A 265 25.98 8.87 5.71
C LYS A 265 26.76 8.88 7.01
N ILE A 266 28.05 9.24 6.96
CA ILE A 266 28.86 9.32 8.17
C ILE A 266 28.40 10.54 8.95
N GLY A 267 27.77 10.27 10.11
CA GLY A 267 27.20 11.28 10.99
C GLY A 267 25.81 10.87 11.50
N PRO A 268 24.73 10.97 10.69
CA PRO A 268 24.77 11.62 9.39
C PRO A 268 25.01 13.12 9.50
N THR A 269 25.50 13.71 8.41
CA THR A 269 25.82 15.13 8.32
C THR A 269 25.05 15.74 7.13
N LEU A 270 24.27 16.79 7.37
CA LEU A 270 23.76 17.53 6.23
C LEU A 270 24.93 18.33 5.63
N THR A 271 25.06 18.29 4.30
CA THR A 271 26.16 18.96 3.63
C THR A 271 25.68 20.02 2.62
N SER A 272 24.46 19.87 2.11
CA SER A 272 23.99 20.74 1.05
CA SER A 272 23.99 20.81 1.11
C SER A 272 22.47 20.77 1.01
N SER A 273 21.90 21.95 0.76
CA SER A 273 20.50 22.04 0.40
C SER A 273 20.28 23.07 -0.70
N ARG A 274 19.20 22.90 -1.45
CA ARG A 274 18.81 23.85 -2.48
C ARG A 274 17.31 24.00 -2.40
N ILE A 275 16.85 25.19 -2.01
CA ILE A 275 15.43 25.45 -1.77
C ILE A 275 14.87 26.20 -2.97
N ALA A 276 13.87 25.59 -3.60
CA ALA A 276 13.16 26.05 -4.79
C ALA A 276 11.88 26.81 -4.41
N SER A 277 11.33 27.51 -5.41
CA SER A 277 9.96 28.00 -5.41
C SER A 277 9.00 26.85 -5.75
N LYS A 278 8.33 26.32 -4.72
CA LYS A 278 7.42 25.18 -4.86
C LYS A 278 5.99 25.68 -5.15
N GLU A 279 5.58 25.59 -6.43
CA GLU A 279 4.52 26.42 -6.96
C GLU A 279 3.17 25.69 -6.93
N HIS A 280 3.19 24.36 -7.01
CA HIS A 280 1.96 23.60 -6.97
C HIS A 280 2.09 22.38 -6.06
N GLU A 281 0.95 21.84 -5.61
CA GLU A 281 0.95 20.60 -4.88
C GLU A 281 -0.32 19.84 -5.22
N TYR A 282 -0.31 18.54 -4.94
CA TYR A 282 -1.50 17.70 -4.95
C TYR A 282 -1.86 17.41 -3.50
N VAL A 283 -3.16 17.45 -3.20
CA VAL A 283 -3.70 17.07 -1.89
C VAL A 283 -4.82 16.07 -2.12
N PRO A 284 -5.25 15.27 -1.09
CA PRO A 284 -6.51 14.54 -1.18
C PRO A 284 -7.70 15.43 -1.49
N ALA A 285 -8.57 14.95 -2.38
CA ALA A 285 -9.89 15.56 -2.56
C ALA A 285 -10.63 15.57 -1.23
N PRO A 286 -11.40 16.65 -0.90
CA PRO A 286 -12.19 16.70 0.33
C PRO A 286 -13.03 15.46 0.65
N ASP A 287 -13.59 14.81 -0.37
CA ASP A 287 -14.45 13.65 -0.17
C ASP A 287 -13.62 12.37 -0.23
N GLY A 288 -12.30 12.53 -0.42
CA GLY A 288 -11.33 11.46 -0.27
C GLY A 288 -11.24 10.50 -1.47
N THR A 289 -11.88 10.83 -2.59
CA THR A 289 -11.97 9.87 -3.70
C THR A 289 -10.84 10.08 -4.74
N GLY A 290 -10.17 11.22 -4.72
CA GLY A 290 -9.04 11.42 -5.62
C GLY A 290 -8.08 12.49 -5.10
N VAL A 291 -7.18 12.97 -5.98
CA VAL A 291 -6.31 14.06 -5.60
C VAL A 291 -6.76 15.31 -6.35
N ILE A 292 -6.30 16.49 -5.91
CA ILE A 292 -6.54 17.71 -6.66
C ILE A 292 -5.22 18.49 -6.76
N PHE A 293 -4.97 19.06 -7.95
CA PHE A 293 -3.83 19.91 -8.25
C PHE A 293 -4.22 21.33 -7.85
N ARG A 294 -3.34 22.02 -7.14
CA ARG A 294 -3.65 23.36 -6.67
C ARG A 294 -2.34 24.12 -6.55
N GLU A 295 -2.43 25.44 -6.31
CA GLU A 295 -1.25 26.29 -6.15
C GLU A 295 -0.88 26.36 -4.67
N VAL A 296 0.42 26.21 -4.38
CA VAL A 296 0.99 26.49 -3.08
C VAL A 296 0.98 28.02 -2.93
N GLU A 297 0.42 28.52 -1.83
CA GLU A 297 0.32 29.97 -1.65
C GLU A 297 1.72 30.53 -1.43
N GLN A 298 1.87 31.84 -1.64
CA GLN A 298 3.16 32.52 -1.65
C GLN A 298 4.02 32.11 -0.44
N ALA A 299 3.50 32.32 0.78
CA ALA A 299 4.31 32.21 1.99
C ALA A 299 5.03 30.87 2.11
N ARG A 300 4.50 29.81 1.46
CA ARG A 300 5.07 28.47 1.57
C ARG A 300 5.98 28.13 0.37
N ARG A 301 5.88 28.88 -0.73
CA ARG A 301 6.58 28.55 -1.96
C ARG A 301 8.09 28.46 -1.79
N GLU A 302 8.70 29.42 -1.09
CA GLU A 302 10.15 29.52 -1.12
C GLU A 302 10.73 29.18 0.25
N VAL A 303 9.91 28.52 1.07
CA VAL A 303 10.36 28.08 2.39
C VAL A 303 10.82 26.62 2.30
N SER A 304 11.78 26.24 3.12
CA SER A 304 12.26 24.86 3.16
C SER A 304 11.15 23.97 3.75
N CYS A 305 10.78 22.92 3.03
CA CYS A 305 9.64 22.11 3.44
C CYS A 305 9.99 21.00 4.44
N LEU A 306 11.28 20.79 4.73
CA LEU A 306 11.68 19.78 5.70
C LEU A 306 12.56 20.48 6.73
N SER A 307 12.30 20.23 8.01
CA SER A 307 13.12 20.81 9.07
C SER A 307 14.37 19.96 9.23
N ASP A 308 15.34 20.46 10.01
CA ASP A 308 16.61 19.79 10.20
C ASP A 308 16.39 18.48 10.96
N SER A 309 15.48 18.48 11.95
CA SER A 309 15.14 17.22 12.57
C SER A 309 14.47 16.24 11.59
N GLU A 310 13.69 16.74 10.60
CA GLU A 310 12.97 15.83 9.69
C GLU A 310 13.90 15.18 8.66
N LEU A 311 14.88 15.93 8.17
CA LEU A 311 15.88 15.37 7.29
C LEU A 311 16.58 14.21 7.98
N MET A 312 16.86 14.36 9.27
CA MET A 312 17.58 13.37 10.04
C MET A 312 16.73 12.13 10.29
N GLN A 313 15.42 12.33 10.52
CA GLN A 313 14.46 11.26 10.58
C GLN A 313 14.52 10.49 9.26
N LEU A 314 14.43 11.23 8.13
CA LEU A 314 14.37 10.64 6.79
C LEU A 314 15.66 9.90 6.48
N ALA A 315 16.79 10.59 6.70
CA ALA A 315 18.11 10.00 6.54
C ALA A 315 18.19 8.69 7.31
N GLU A 316 17.73 8.64 8.58
CA GLU A 316 17.85 7.42 9.37
C GLU A 316 17.02 6.27 8.76
N ILE A 317 15.83 6.58 8.23
CA ILE A 317 14.97 5.58 7.65
C ILE A 317 15.59 5.02 6.37
N GLY A 318 16.27 5.88 5.60
CA GLY A 318 16.96 5.43 4.41
C GLY A 318 18.05 4.41 4.72
N LEU A 319 18.84 4.69 5.75
CA LEU A 319 19.85 3.75 6.21
C LEU A 319 19.21 2.42 6.64
N ARG A 320 18.09 2.48 7.39
CA ARG A 320 17.39 1.28 7.84
C ARG A 320 16.94 0.49 6.63
N VAL A 321 16.40 1.21 5.63
CA VAL A 321 15.67 0.59 4.52
C VAL A 321 16.69 -0.13 3.63
N GLU A 322 17.88 0.49 3.50
CA GLU A 322 18.96 0.01 2.65
C GLU A 322 19.66 -1.18 3.30
N GLU A 323 19.84 -1.13 4.63
CA GLU A 323 20.43 -2.27 5.30
C GLU A 323 19.43 -3.46 5.34
N HIS A 324 18.12 -3.16 5.35
CA HIS A 324 17.14 -4.22 5.33
C HIS A 324 17.19 -4.99 4.01
N TYR A 325 17.12 -4.26 2.88
CA TYR A 325 17.12 -4.87 1.56
C TYR A 325 18.53 -5.33 1.17
N GLY A 326 19.54 -4.48 1.41
CA GLY A 326 20.94 -4.87 1.25
C GLY A 326 21.54 -4.35 -0.05
N CYS A 327 20.91 -3.32 -0.61
CA CYS A 327 21.44 -2.63 -1.76
C CYS A 327 20.99 -1.19 -1.64
N PRO A 328 21.57 -0.23 -2.39
CA PRO A 328 21.10 1.14 -2.31
C PRO A 328 19.69 1.28 -2.86
N GLN A 329 18.91 2.18 -2.27
CA GLN A 329 17.48 2.24 -2.53
C GLN A 329 17.12 3.57 -3.19
N ASP A 330 15.98 3.51 -3.90
CA ASP A 330 15.20 4.64 -4.37
C ASP A 330 13.86 4.53 -3.65
N ILE A 331 13.68 5.37 -2.62
CA ILE A 331 12.57 5.26 -1.68
C ILE A 331 11.55 6.36 -1.98
N GLU A 332 10.26 6.02 -1.98
CA GLU A 332 9.25 7.06 -1.95
C GLU A 332 8.69 7.15 -0.53
N TRP A 333 8.71 8.35 0.04
CA TRP A 333 8.29 8.56 1.42
C TRP A 333 7.22 9.65 1.46
N ALA A 334 6.45 9.68 2.57
CA ALA A 334 5.56 10.77 2.94
C ALA A 334 5.84 11.16 4.39
N LEU A 335 5.53 12.42 4.73
CA LEU A 335 5.62 12.91 6.10
C LEU A 335 4.31 13.56 6.51
N GLU A 336 3.78 13.11 7.65
CA GLU A 336 2.60 13.70 8.26
C GLU A 336 2.99 14.35 9.58
N HIS A 337 2.38 15.49 9.90
CA HIS A 337 2.52 16.04 11.24
C HIS A 337 1.30 15.67 12.06
N ASP A 338 1.50 14.91 13.13
CA ASP A 338 0.41 14.43 13.97
C ASP A 338 -0.15 15.57 14.82
N SER A 339 -1.37 15.36 15.33
CA SER A 339 -2.13 16.39 16.02
CA SER A 339 -2.15 16.34 16.07
C SER A 339 -1.32 16.99 17.17
N ASP A 340 -0.55 16.15 17.87
CA ASP A 340 0.31 16.51 18.97
C ASP A 340 1.51 17.32 18.45
N GLY A 341 2.00 16.98 17.26
CA GLY A 341 3.09 17.74 16.66
C GLY A 341 4.16 16.84 16.05
N THR A 342 4.31 15.61 16.57
CA THR A 342 5.39 14.75 16.08
C THR A 342 5.25 14.53 14.59
N SER A 343 6.40 14.50 13.92
CA SER A 343 6.50 14.21 12.50
C SER A 343 6.60 12.70 12.34
N ARG A 344 5.74 12.15 11.49
CA ARG A 344 5.72 10.73 11.24
C ARG A 344 6.00 10.49 9.76
N VAL A 345 7.09 9.73 9.50
CA VAL A 345 7.50 9.31 8.16
C VAL A 345 6.86 7.98 7.78
N MET A 346 6.26 7.93 6.58
CA MET A 346 5.70 6.73 6.01
C MET A 346 6.58 6.32 4.83
N LEU A 347 6.86 5.03 4.73
CA LEU A 347 7.56 4.50 3.56
C LEU A 347 6.51 3.98 2.59
N LEU A 348 6.44 4.57 1.38
CA LEU A 348 5.36 4.23 0.45
C LEU A 348 5.77 3.15 -0.53
N GLN A 349 7.00 3.24 -1.05
CA GLN A 349 7.53 2.26 -1.98
C GLN A 349 9.06 2.26 -1.85
N SER A 350 9.71 1.23 -2.40
CA SER A 350 11.15 1.13 -2.31
C SER A 350 11.63 0.14 -3.36
N ARG A 351 12.63 0.52 -4.18
CA ARG A 351 13.29 -0.40 -5.09
C ARG A 351 14.79 -0.11 -5.16
N PRO A 352 15.64 -1.07 -5.64
CA PRO A 352 17.05 -0.81 -5.90
C PRO A 352 17.23 0.43 -6.77
N GLU A 353 18.29 1.19 -6.51
CA GLU A 353 18.48 2.43 -7.25
C GLU A 353 18.90 1.99 -8.65
N THR A 354 18.33 2.63 -9.66
CA THR A 354 18.32 2.03 -10.98
C THR A 354 19.73 1.99 -11.56
N ASN A 355 20.48 3.09 -11.44
CA ASN A 355 21.79 3.19 -12.06
C ASN A 355 22.76 2.21 -11.41
N TRP A 356 22.81 2.21 -10.08
CA TRP A 356 23.60 1.25 -9.36
C TRP A 356 23.28 -0.15 -9.92
N LYS A 357 21.97 -0.39 -10.15
CA LYS A 357 21.43 -1.67 -10.60
C LYS A 357 21.78 -1.89 -12.07
N LYS A 358 21.55 -0.87 -12.91
CA LYS A 358 21.91 -0.93 -14.31
C LYS A 358 23.39 -1.29 -14.42
N ARG A 359 24.27 -0.49 -13.80
CA ARG A 359 25.69 -0.80 -13.76
C ARG A 359 25.89 -2.26 -13.32
N LYS A 360 25.55 -2.57 -12.07
CA LYS A 360 25.59 -3.96 -11.64
C LYS A 360 24.72 -4.81 -12.58
#